data_2XG5
#
_entry.id   2XG5
#
_cell.length_a   103.610
_cell.length_b   149.830
_cell.length_c   82.900
_cell.angle_alpha   90.00
_cell.angle_beta   90.00
_cell.angle_gamma   90.00
#
_symmetry.space_group_name_H-M   'C 2 2 21'
#
loop_
_entity.id
_entity.type
_entity.pdbx_description
1 polymer 'CHAPERONE PROTEIN PAPD'
2 polymer 'PAP FIMBRIAL MINOR PILIN PROTEIN'
3 non-polymer GLYCEROL
4 non-polymer '(2R,3R)-8-CYCLOPROPYL-7-(NAPHTHALEN-1-YLMETHYL)-5-OXO-2-PHENYL-2,3-DIHYDRO-5H-[1,3]THIAZOLO[3,2-A]PYRIDINE-3-CARBOXYLIC ACID'
5 non-polymer '(2R)-2-[5-CYCLOPROPYL-6-(HYDROXYSULFANYL)-4-(NAPHTHALEN-1-YLMETHYL)-2-OXOPYRIDIN-1(2H)-YL]-3-PHENYLPROPANOIC ACID'
6 non-polymer S-1,2-PROPANEDIOL
7 non-polymer 'COBALT (II) ION'
8 water water
#
loop_
_entity_poly.entity_id
_entity_poly.type
_entity_poly.pdbx_seq_one_letter_code
_entity_poly.pdbx_strand_id
1 'polypeptide(L)'
;AVSLDRTRAVFDGSEKSMTLDISNDNKQLPYLAQAWIENENQEKIITGPVIATPPVQRLEPGAKSMVRLSTTPDISKLPQ
DRESLFYFNLREIPPRSEKANVLQIALQTKIKLFYRPAAIKTRPNEVWQDQLILNKVSGGYRIENPTPYYVTVIGLGGSE
KQAEEGEFETVMLSPRSEQTVKSANYNTPYLSYINDYGGRPVLSFICNGSRCSVKKEK
;
A
2 'polypeptide(L)'
;GPFPPPGMSLPEYWGEEHVWWDGRAAFHGEVVRPACTLAMEDAWQIIDMGETPVRDLQNGFSGPERKFSLRLRNCEFNSQ
GGNLFSDSRIRVTFDGVRGETPDKFNLSGQAKGINLQIADVRGNIARAGKVMPAIPLTGNEEALDYTLRIVRNGKKLEAG
NYFAVLGFRVDYE
;
B
#
loop_
_chem_comp.id
_chem_comp.type
_chem_comp.name
_chem_comp.formula
CO non-polymer 'COBALT (II) ION' 'Co 2'
EC2 non-polymer '(2R,3R)-8-CYCLOPROPYL-7-(NAPHTHALEN-1-YLMETHYL)-5-OXO-2-PHENYL-2,3-DIHYDRO-5H-[1,3]THIAZOLO[3,2-A]PYRIDINE-3-CARBOXYLIC ACID' 'C28 H23 N O3 S'
EC5 non-polymer '(2R)-2-[5-CYCLOPROPYL-6-(HYDROXYSULFANYL)-4-(NAPHTHALEN-1-YLMETHYL)-2-OXOPYRIDIN-1(2H)-YL]-3-PHENYLPROPANOIC ACID' 'C28 H25 N O4 S'
GOL non-polymer GLYCEROL 'C3 H8 O3'
PGO non-polymer S-1,2-PROPANEDIOL 'C3 H8 O2'
#
# COMPACT_ATOMS: atom_id res chain seq x y z
N ALA A 1 8.40 -5.24 -10.14
CA ALA A 1 9.51 -4.65 -10.96
C ALA A 1 9.51 -3.12 -11.01
N VAL A 2 8.33 -2.58 -11.29
CA VAL A 2 8.12 -1.17 -11.47
C VAL A 2 7.92 -0.52 -10.11
N SER A 3 8.71 0.53 -9.83
CA SER A 3 8.63 1.21 -8.54
C SER A 3 8.41 2.71 -8.67
N LEU A 4 7.89 3.28 -7.58
CA LEU A 4 7.59 4.71 -7.44
C LEU A 4 8.52 5.39 -6.45
N ASP A 5 8.83 6.69 -6.71
CA ASP A 5 9.86 7.38 -5.92
C ASP A 5 9.38 7.96 -4.56
N ARG A 6 8.13 7.71 -4.18
CA ARG A 6 7.63 8.29 -2.88
C ARG A 6 6.40 7.53 -2.40
N THR A 7 6.09 7.64 -1.10
CA THR A 7 4.99 6.92 -0.50
C THR A 7 3.72 7.80 -0.32
N ARG A 8 3.84 9.10 -0.61
CA ARG A 8 2.67 10.00 -0.74
C ARG A 8 3.04 11.11 -1.73
N ALA A 9 2.06 11.76 -2.34
CA ALA A 9 2.37 12.87 -3.22
C ALA A 9 1.59 14.07 -2.68
N VAL A 10 2.22 15.22 -2.64
CA VAL A 10 1.47 16.48 -2.38
C VAL A 10 1.37 17.30 -3.67
N PHE A 11 0.13 17.59 -4.09
CA PHE A 11 -0.06 18.41 -5.28
C PHE A 11 -0.27 19.85 -4.84
N ASP A 12 0.68 20.68 -5.22
CA ASP A 12 0.64 22.13 -4.88
C ASP A 12 -0.34 22.78 -5.86
N GLY A 13 -1.48 23.23 -5.34
CA GLY A 13 -2.56 23.84 -6.20
C GLY A 13 -2.18 25.21 -6.81
N SER A 14 -1.03 25.78 -6.41
CA SER A 14 -0.51 26.95 -7.10
C SER A 14 0.10 26.58 -8.49
N GLU A 15 0.23 25.29 -8.80
CA GLU A 15 0.74 24.88 -10.13
C GLU A 15 -0.27 23.98 -10.89
N LYS A 16 -0.02 23.81 -12.20
CA LYS A 16 -0.90 23.01 -13.03
C LYS A 16 -0.52 21.53 -13.17
N SER A 17 0.76 21.21 -12.90
CA SER A 17 1.24 19.82 -13.01
C SER A 17 2.47 19.57 -12.16
N MET A 18 2.73 18.29 -11.93
CA MET A 18 3.98 17.84 -11.30
C MET A 18 4.31 16.44 -11.85
N THR A 19 5.53 15.95 -11.62
CA THR A 19 5.89 14.61 -12.08
C THR A 19 6.36 13.77 -10.92
N LEU A 20 6.17 12.46 -11.06
CA LEU A 20 6.69 11.49 -10.13
C LEU A 20 7.62 10.60 -10.94
N ASP A 21 8.78 10.27 -10.38
CA ASP A 21 9.70 9.38 -11.11
C ASP A 21 9.32 7.93 -10.86
N ILE A 22 9.47 7.10 -11.91
CA ILE A 22 9.25 5.66 -11.77
C ILE A 22 10.48 4.94 -12.41
N SER A 23 10.60 3.64 -12.08
CA SER A 23 11.77 2.85 -12.54
C SER A 23 11.34 1.40 -12.80
N ASN A 24 11.82 0.80 -13.89
CA ASN A 24 11.80 -0.65 -13.96
C ASN A 24 13.07 -1.20 -13.31
N ASP A 25 12.95 -1.68 -12.08
CA ASP A 25 14.13 -2.20 -11.36
C ASP A 25 14.54 -3.62 -11.83
N ASN A 26 13.74 -4.24 -12.68
CA ASN A 26 14.13 -5.56 -13.20
C ASN A 26 15.06 -5.30 -14.38
N LYS A 27 16.25 -5.85 -14.31
CA LYS A 27 17.25 -5.53 -15.36
C LYS A 27 17.28 -6.53 -16.52
N GLN A 28 16.35 -7.47 -16.47
CA GLN A 28 16.33 -8.55 -17.47
C GLN A 28 15.17 -8.42 -18.48
N LEU A 29 14.01 -7.96 -18.00
CA LEU A 29 12.76 -8.06 -18.75
C LEU A 29 11.97 -6.71 -18.81
N PRO A 30 11.30 -6.44 -19.95
CA PRO A 30 10.44 -5.23 -20.01
C PRO A 30 9.15 -5.42 -19.21
N TYR A 31 8.70 -4.34 -18.58
CA TYR A 31 7.45 -4.37 -17.82
C TYR A 31 6.58 -3.20 -18.26
N LEU A 32 5.25 -3.35 -18.21
CA LEU A 32 4.39 -2.21 -18.55
C LEU A 32 4.02 -1.49 -17.25
N ALA A 33 3.86 -0.18 -17.30
CA ALA A 33 3.45 0.58 -16.11
C ALA A 33 2.17 1.29 -16.44
N GLN A 34 1.11 0.93 -15.73
CA GLN A 34 -0.22 1.56 -15.87
CA GLN A 34 -0.20 1.58 -15.89
C GLN A 34 -0.44 2.52 -14.70
N ALA A 35 -0.92 3.71 -15.00
CA ALA A 35 -1.16 4.72 -13.97
C ALA A 35 -2.57 5.27 -14.00
N TRP A 36 -3.17 5.49 -12.81
CA TRP A 36 -4.50 6.12 -12.77
C TRP A 36 -4.72 6.75 -11.40
N ILE A 37 -5.76 7.57 -11.33
CA ILE A 37 -6.10 8.26 -10.06
CA ILE A 37 -6.12 8.32 -10.09
C ILE A 37 -7.44 7.75 -9.58
N GLU A 38 -7.60 7.76 -8.25
CA GLU A 38 -8.88 7.45 -7.62
C GLU A 38 -9.28 8.64 -6.71
N ASN A 39 -10.56 8.75 -6.40
CA ASN A 39 -11.07 9.78 -5.52
C ASN A 39 -10.87 9.36 -4.04
N GLU A 40 -11.48 10.10 -3.09
CA GLU A 40 -11.25 9.91 -1.66
C GLU A 40 -11.84 8.56 -1.20
N ASN A 41 -12.81 8.04 -1.98
CA ASN A 41 -13.37 6.71 -1.71
C ASN A 41 -12.70 5.51 -2.45
N GLN A 42 -11.51 5.75 -3.00
CA GLN A 42 -10.74 4.78 -3.82
C GLN A 42 -11.54 4.29 -5.04
N GLU A 43 -12.40 5.16 -5.56
CA GLU A 43 -13.14 4.87 -6.82
C GLU A 43 -12.39 5.58 -7.96
N LYS A 44 -12.21 4.86 -9.05
CA LYS A 44 -11.40 5.36 -10.17
C LYS A 44 -12.05 6.58 -10.81
N ILE A 45 -11.23 7.61 -11.05
CA ILE A 45 -11.72 8.73 -11.91
C ILE A 45 -10.89 8.72 -13.20
N ILE A 46 -11.42 9.35 -14.24
CA ILE A 46 -10.66 9.42 -15.48
C ILE A 46 -10.58 10.79 -16.12
N THR A 47 -11.65 11.55 -16.16
CA THR A 47 -11.58 12.84 -16.96
C THR A 47 -11.12 14.08 -16.14
N GLY A 48 -10.94 13.92 -14.84
CA GLY A 48 -10.56 15.07 -13.98
C GLY A 48 -11.08 14.89 -12.55
N PRO A 49 -10.73 15.83 -11.65
CA PRO A 49 -10.02 17.10 -11.97
C PRO A 49 -8.49 16.99 -11.90
N VAL A 50 -8.00 15.77 -11.62
CA VAL A 50 -6.56 15.42 -11.68
C VAL A 50 -6.42 14.23 -12.60
N ILE A 51 -5.45 14.29 -13.55
CA ILE A 51 -5.25 13.18 -14.46
C ILE A 51 -3.78 12.71 -14.38
N ALA A 52 -3.55 11.43 -14.73
CA ALA A 52 -2.19 10.89 -14.72
C ALA A 52 -1.86 10.49 -16.15
N THR A 53 -0.69 10.92 -16.60
CA THR A 53 -0.26 10.62 -17.99
C THR A 53 1.24 10.21 -17.99
N PRO A 54 1.62 9.31 -18.89
CA PRO A 54 0.70 8.52 -19.79
C PRO A 54 -0.01 7.43 -18.95
N PRO A 55 -1.25 7.02 -19.31
CA PRO A 55 -1.88 5.98 -18.55
C PRO A 55 -1.16 4.63 -18.67
N VAL A 56 -0.47 4.39 -19.79
CA VAL A 56 0.29 3.16 -19.98
CA VAL A 56 0.35 3.17 -19.93
C VAL A 56 1.60 3.48 -20.70
N GLN A 57 2.66 2.78 -20.31
CA GLN A 57 3.91 2.96 -20.95
C GLN A 57 4.79 1.70 -20.74
N ARG A 58 5.56 1.40 -21.76
CA ARG A 58 6.50 0.24 -21.70
C ARG A 58 7.81 0.73 -21.09
N LEU A 59 8.30 -0.01 -20.10
CA LEU A 59 9.60 0.29 -19.52
C LEU A 59 10.58 -0.84 -19.89
N GLU A 60 11.54 -0.52 -20.72
CA GLU A 60 12.63 -1.49 -21.02
C GLU A 60 13.36 -1.94 -19.71
N PRO A 61 14.06 -3.07 -19.76
CA PRO A 61 14.76 -3.50 -18.56
C PRO A 61 15.65 -2.37 -18.00
N GLY A 62 15.51 -2.09 -16.70
CA GLY A 62 16.38 -1.05 -16.04
C GLY A 62 16.03 0.41 -16.35
N ALA A 63 15.01 0.61 -17.21
CA ALA A 63 14.60 1.97 -17.63
C ALA A 63 14.00 2.84 -16.55
N LYS A 64 14.27 4.14 -16.64
CA LYS A 64 13.72 5.07 -15.71
C LYS A 64 12.75 5.98 -16.48
N SER A 65 11.64 6.37 -15.85
CA SER A 65 10.69 7.26 -16.57
C SER A 65 9.96 8.10 -15.50
N MET A 66 8.81 8.67 -15.91
CA MET A 66 8.01 9.53 -15.03
C MET A 66 6.54 9.30 -15.37
N VAL A 67 5.71 9.72 -14.44
CA VAL A 67 4.26 9.86 -14.64
C VAL A 67 3.95 11.29 -14.23
N ARG A 68 3.19 11.97 -15.07
CA ARG A 68 2.84 13.36 -14.80
CA ARG A 68 2.84 13.37 -14.84
C ARG A 68 1.43 13.44 -14.24
N LEU A 69 1.25 14.31 -13.24
CA LEU A 69 -0.06 14.58 -12.69
C LEU A 69 -0.42 16.00 -13.14
N SER A 70 -1.58 16.14 -13.77
CA SER A 70 -2.03 17.45 -14.20
C SER A 70 -3.45 17.71 -13.69
N THR A 71 -3.76 18.98 -13.47
CA THR A 71 -5.16 19.37 -13.17
C THR A 71 -5.92 19.78 -14.41
N THR A 72 -7.24 19.68 -14.36
CA THR A 72 -8.11 20.22 -15.39
C THR A 72 -8.87 21.45 -14.82
N PRO A 73 -9.54 22.26 -15.68
CA PRO A 73 -10.18 23.49 -15.17
C PRO A 73 -11.21 23.24 -14.04
N ASP A 74 -11.78 22.04 -13.99
CA ASP A 74 -12.70 21.67 -12.89
C ASP A 74 -12.05 21.58 -11.46
N ILE A 75 -10.71 21.63 -11.37
CA ILE A 75 -10.02 21.66 -10.06
C ILE A 75 -10.43 22.83 -9.19
N SER A 76 -10.80 23.94 -9.82
CA SER A 76 -11.26 25.12 -9.07
C SER A 76 -12.59 24.88 -8.26
N LYS A 77 -13.29 23.78 -8.53
CA LYS A 77 -14.55 23.47 -7.81
C LYS A 77 -14.22 22.82 -6.45
N LEU A 78 -12.97 22.36 -6.26
CA LEU A 78 -12.59 21.78 -4.97
C LEU A 78 -12.50 22.90 -3.91
N PRO A 79 -12.66 22.55 -2.63
CA PRO A 79 -12.52 23.59 -1.62
C PRO A 79 -11.08 24.18 -1.65
N GLN A 80 -10.97 25.47 -1.39
CA GLN A 80 -9.63 26.09 -1.41
C GLN A 80 -9.05 26.37 -0.02
N ASP A 81 -9.74 25.93 1.03
CA ASP A 81 -9.33 26.20 2.42
C ASP A 81 -9.02 24.90 3.20
N ARG A 82 -8.87 23.79 2.48
CA ARG A 82 -8.50 22.49 3.08
C ARG A 82 -8.03 21.55 2.00
N GLU A 83 -7.34 20.48 2.40
CA GLU A 83 -6.83 19.51 1.44
C GLU A 83 -8.00 18.67 0.92
N SER A 84 -7.89 18.17 -0.32
CA SER A 84 -8.76 17.11 -0.81
C SER A 84 -7.93 15.87 -1.07
N LEU A 85 -8.49 14.69 -0.82
CA LEU A 85 -7.75 13.43 -0.92
C LEU A 85 -8.02 12.71 -2.25
N PHE A 86 -6.95 12.29 -2.87
CA PHE A 86 -7.05 11.38 -4.00
C PHE A 86 -6.10 10.22 -3.73
N TYR A 87 -6.12 9.20 -4.62
CA TYR A 87 -5.07 8.15 -4.50
C TYR A 87 -4.45 8.01 -5.89
N PHE A 88 -3.12 7.92 -5.91
CA PHE A 88 -2.38 7.67 -7.13
C PHE A 88 -2.00 6.17 -7.17
N ASN A 89 -2.21 5.54 -8.32
CA ASN A 89 -2.05 4.08 -8.49
C ASN A 89 -1.07 3.79 -9.62
N LEU A 90 -0.12 2.87 -9.35
CA LEU A 90 0.88 2.48 -10.35
C LEU A 90 0.87 0.97 -10.36
N ARG A 91 0.32 0.40 -11.44
CA ARG A 91 0.16 -1.05 -11.53
C ARG A 91 0.99 -1.56 -12.70
N GLU A 92 1.83 -2.56 -12.45
CA GLU A 92 2.58 -3.16 -13.53
C GLU A 92 1.83 -4.25 -14.28
N ILE A 93 2.14 -4.41 -15.56
CA ILE A 93 1.73 -5.60 -16.28
C ILE A 93 3.06 -6.34 -16.65
N PRO A 94 3.30 -7.50 -15.99
CA PRO A 94 4.55 -8.26 -16.29
C PRO A 94 4.48 -8.85 -17.69
N PRO A 95 5.66 -9.14 -18.27
CA PRO A 95 5.66 -9.73 -19.62
C PRO A 95 5.00 -11.14 -19.47
N ARG A 96 4.16 -11.50 -20.43
CA ARG A 96 3.40 -12.73 -20.32
C ARG A 96 4.32 -13.87 -20.61
N SER A 97 4.36 -14.83 -19.71
CA SER A 97 5.14 -16.00 -20.02
C SER A 97 4.09 -17.01 -20.46
N GLU A 98 4.42 -17.79 -21.40
CA GLU A 98 3.44 -18.78 -21.73
C GLU A 98 3.86 -20.11 -21.05
N LYS A 99 4.44 -20.00 -19.85
CA LYS A 99 4.89 -21.18 -19.11
C LYS A 99 3.67 -21.93 -18.52
N ALA A 100 3.68 -23.27 -18.59
CA ALA A 100 2.58 -24.11 -18.06
C ALA A 100 2.49 -24.00 -16.51
N ASN A 101 1.28 -23.87 -16.01
CA ASN A 101 0.93 -24.06 -14.57
C ASN A 101 1.71 -23.09 -13.70
N VAL A 102 1.64 -21.80 -14.05
CA VAL A 102 2.33 -20.79 -13.25
C VAL A 102 1.35 -19.78 -12.68
N LEU A 103 1.71 -19.23 -11.51
CA LEU A 103 1.04 -18.09 -10.98
C LEU A 103 2.04 -16.94 -11.19
N GLN A 104 1.55 -15.86 -11.77
CA GLN A 104 2.36 -14.63 -11.96
C GLN A 104 1.85 -13.51 -11.06
N ILE A 105 2.78 -12.78 -10.43
CA ILE A 105 2.45 -11.71 -9.51
C ILE A 105 2.70 -10.34 -10.17
N ALA A 106 1.72 -9.45 -10.02
CA ALA A 106 1.87 -8.08 -10.56
C ALA A 106 1.71 -7.08 -9.45
N LEU A 107 2.74 -6.29 -9.18
CA LEU A 107 2.67 -5.34 -8.08
C LEU A 107 1.75 -4.15 -8.50
N GLN A 108 0.94 -3.73 -7.53
CA GLN A 108 0.32 -2.43 -7.61
C GLN A 108 0.70 -1.58 -6.36
N THR A 109 1.13 -0.36 -6.61
CA THR A 109 1.47 0.62 -5.55
C THR A 109 0.30 1.64 -5.53
N LYS A 110 -0.25 1.88 -4.34
CA LYS A 110 -1.30 2.89 -4.17
C LYS A 110 -0.89 3.83 -3.00
N ILE A 111 -0.69 5.10 -3.35
CA ILE A 111 -0.28 6.10 -2.35
C ILE A 111 -1.36 7.19 -2.26
N LYS A 112 -1.37 7.90 -1.15
CA LYS A 112 -2.24 9.03 -1.01
C LYS A 112 -1.70 10.21 -1.84
N LEU A 113 -2.61 10.95 -2.44
CA LEU A 113 -2.33 12.14 -3.26
C LEU A 113 -3.12 13.26 -2.66
N PHE A 114 -2.40 14.13 -1.95
CA PHE A 114 -3.04 15.26 -1.25
C PHE A 114 -3.06 16.47 -2.14
N TYR A 115 -4.26 16.90 -2.55
CA TYR A 115 -4.37 18.16 -3.26
C TYR A 115 -4.39 19.28 -2.20
N ARG A 116 -3.39 20.18 -2.28
CA ARG A 116 -3.18 21.17 -1.28
C ARG A 116 -3.30 22.56 -1.98
N PRO A 117 -4.48 23.19 -1.85
CA PRO A 117 -4.73 24.48 -2.51
C PRO A 117 -3.65 25.53 -2.15
N ALA A 118 -3.43 26.43 -3.08
CA ALA A 118 -2.52 27.56 -2.90
C ALA A 118 -2.72 28.31 -1.58
N ALA A 119 -3.98 28.54 -1.18
CA ALA A 119 -4.24 29.34 0.02
C ALA A 119 -3.71 28.66 1.30
N ILE A 120 -3.46 27.35 1.26
CA ILE A 120 -2.87 26.66 2.43
C ILE A 120 -1.47 26.10 2.17
N LYS A 121 -0.78 26.70 1.21
CA LYS A 121 0.56 26.19 0.77
C LYS A 121 1.49 26.24 1.98
N THR A 122 2.29 25.21 2.14
CA THR A 122 3.23 25.05 3.21
C THR A 122 4.69 25.26 2.80
N ARG A 123 5.51 25.66 3.75
CA ARG A 123 6.96 25.76 3.55
C ARG A 123 7.64 24.41 3.91
N PRO A 124 8.86 24.19 3.42
CA PRO A 124 9.55 22.92 3.72
C PRO A 124 9.66 22.72 5.21
N ASN A 125 9.28 21.54 5.68
CA ASN A 125 9.45 21.19 7.09
C ASN A 125 8.45 21.84 8.06
N GLU A 126 7.48 22.55 7.52
CA GLU A 126 6.38 23.12 8.35
C GLU A 126 5.62 22.00 9.09
N VAL A 127 5.30 22.26 10.35
CA VAL A 127 4.60 21.30 11.20
C VAL A 127 3.23 21.90 11.62
N TRP A 128 2.15 21.26 11.20
CA TRP A 128 0.80 21.63 11.69
C TRP A 128 0.26 20.53 12.63
N GLN A 129 0.94 19.37 12.64
CA GLN A 129 0.46 18.19 13.38
C GLN A 129 0.54 18.34 14.89
N ASP A 130 1.32 19.31 15.35
CA ASP A 130 1.41 19.67 16.75
C ASP A 130 0.16 20.44 17.25
N GLN A 131 -0.81 20.65 16.35
CA GLN A 131 -2.08 21.25 16.77
C GLN A 131 -3.14 20.21 17.16
N LEU A 132 -2.81 18.93 17.00
CA LEU A 132 -3.68 17.85 17.41
C LEU A 132 -3.99 17.95 18.91
N ILE A 133 -5.22 17.61 19.24
CA ILE A 133 -5.67 17.54 20.63
C ILE A 133 -6.15 16.16 20.95
N LEU A 134 -5.81 15.67 22.14
CA LEU A 134 -6.25 14.32 22.58
C LEU A 134 -7.21 14.52 23.71
N ASN A 135 -8.34 13.81 23.68
CA ASN A 135 -9.31 13.89 24.76
C ASN A 135 -9.51 12.48 25.28
N LYS A 136 -9.24 12.25 26.57
CA LYS A 136 -9.48 10.94 27.14
C LYS A 136 -10.97 10.64 27.16
N VAL A 137 -11.37 9.47 26.65
CA VAL A 137 -12.76 8.98 26.76
C VAL A 137 -12.72 7.51 27.14
N SER A 138 -13.89 6.90 27.30
CA SER A 138 -13.97 5.48 27.68
C SER A 138 -13.22 4.65 26.63
N GLY A 139 -12.18 3.93 27.06
CA GLY A 139 -11.46 2.99 26.20
C GLY A 139 -10.37 3.58 25.31
N GLY A 140 -10.16 4.88 25.35
CA GLY A 140 -9.20 5.47 24.41
C GLY A 140 -9.18 6.97 24.39
N TYR A 141 -8.88 7.54 23.22
CA TYR A 141 -8.77 8.98 23.07
C TYR A 141 -9.61 9.44 21.89
N ARG A 142 -10.32 10.54 22.05
CA ARG A 142 -10.90 11.24 20.92
C ARG A 142 -9.85 12.26 20.42
N ILE A 143 -9.37 12.06 19.20
CA ILE A 143 -8.31 12.94 18.65
C ILE A 143 -8.97 13.99 17.74
N GLU A 144 -8.65 15.28 17.96
CA GLU A 144 -9.17 16.40 17.14
C GLU A 144 -8.07 16.88 16.22
N ASN A 145 -8.42 17.02 14.93
CA ASN A 145 -7.52 17.65 13.96
C ASN A 145 -8.16 18.96 13.48
N PRO A 146 -7.74 20.12 14.07
CA PRO A 146 -8.34 21.41 13.71
C PRO A 146 -7.74 21.99 12.44
N THR A 147 -6.72 21.33 11.88
CA THR A 147 -5.95 21.90 10.78
C THR A 147 -6.62 21.67 9.41
N PRO A 148 -6.18 22.41 8.37
CA PRO A 148 -6.66 22.25 6.99
C PRO A 148 -6.13 21.00 6.29
N TYR A 149 -5.33 20.17 6.98
CA TYR A 149 -4.61 19.07 6.31
C TYR A 149 -5.01 17.71 6.83
N TYR A 150 -4.82 16.67 5.98
CA TYR A 150 -4.96 15.30 6.46
C TYR A 150 -3.81 14.98 7.40
N VAL A 151 -4.11 14.25 8.47
CA VAL A 151 -3.04 13.89 9.38
C VAL A 151 -3.12 12.39 9.65
N THR A 152 -2.00 11.69 9.39
CA THR A 152 -1.96 10.23 9.52
C THR A 152 -1.21 9.87 10.80
N VAL A 153 -1.96 9.27 11.73
CA VAL A 153 -1.42 8.93 13.07
C VAL A 153 -1.05 7.45 13.11
N ILE A 154 0.19 7.16 13.46
CA ILE A 154 0.76 5.82 13.41
C ILE A 154 1.24 5.25 14.74
N GLY A 155 1.22 6.08 15.80
CA GLY A 155 1.60 5.60 17.12
C GLY A 155 1.09 6.52 18.19
N LEU A 156 0.86 5.92 19.36
CA LEU A 156 0.40 6.64 20.56
C LEU A 156 0.78 5.74 21.72
N GLY A 157 1.63 6.24 22.61
CA GLY A 157 2.07 5.50 23.79
C GLY A 157 2.53 6.43 24.88
N GLY A 158 3.15 5.86 25.91
CA GLY A 158 3.48 6.59 27.14
C GLY A 158 4.91 7.12 27.10
N SER A 159 5.65 6.73 26.05
CA SER A 159 7.05 7.12 25.83
C SER A 159 7.26 7.27 24.33
N GLU A 160 8.40 7.84 23.97
CA GLU A 160 8.72 8.09 22.57
C GLU A 160 8.91 6.71 21.92
N LYS A 161 9.57 5.80 22.63
CA LYS A 161 9.80 4.46 22.10
C LYS A 161 8.45 3.71 21.82
N GLN A 162 7.49 3.82 22.73
CA GLN A 162 6.19 3.19 22.56
C GLN A 162 5.43 3.84 21.37
N ALA A 163 5.58 5.14 21.19
CA ALA A 163 4.96 5.84 20.06
C ALA A 163 5.55 5.27 18.77
N GLU A 164 6.84 4.99 18.77
CA GLU A 164 7.53 4.62 17.52
C GLU A 164 7.31 3.11 17.23
N GLU A 165 7.36 2.30 18.26
CA GLU A 165 7.36 0.86 18.05
C GLU A 165 6.13 0.10 18.57
N GLY A 166 5.27 0.76 19.37
CA GLY A 166 4.14 0.03 20.02
C GLY A 166 3.09 -0.33 18.99
N GLU A 167 2.29 -1.35 19.27
CA GLU A 167 1.20 -1.74 18.39
C GLU A 167 0.13 -0.62 18.32
N PHE A 168 -0.21 -0.17 17.12
CA PHE A 168 -1.18 0.89 16.94
C PHE A 168 -1.78 0.79 15.53
N GLU A 169 -3.09 0.80 15.47
CA GLU A 169 -3.80 0.74 14.22
C GLU A 169 -3.79 2.15 13.58
N THR A 170 -3.06 2.28 12.48
CA THR A 170 -2.94 3.60 11.79
C THR A 170 -4.32 4.17 11.57
N VAL A 171 -4.45 5.48 11.82
CA VAL A 171 -5.69 6.20 11.50
C VAL A 171 -5.35 7.53 10.74
N MET A 172 -6.16 7.91 9.79
CA MET A 172 -5.95 9.18 9.14
C MET A 172 -7.12 10.12 9.39
N LEU A 173 -6.82 11.29 9.94
CA LEU A 173 -7.85 12.26 10.24
C LEU A 173 -7.96 13.24 9.09
N SER A 174 -9.20 13.40 8.59
CA SER A 174 -9.50 14.42 7.61
C SER A 174 -9.24 15.82 8.17
N PRO A 175 -9.08 16.83 7.28
CA PRO A 175 -9.03 18.23 7.78
C PRO A 175 -10.23 18.50 8.65
N ARG A 176 -10.02 19.24 9.75
CA ARG A 176 -11.11 19.77 10.62
C ARG A 176 -12.07 18.67 11.02
N SER A 177 -11.55 17.62 11.65
CA SER A 177 -12.39 16.51 12.03
C SER A 177 -11.89 15.88 13.33
N GLU A 178 -12.58 14.85 13.80
CA GLU A 178 -12.16 14.15 15.02
C GLU A 178 -12.53 12.68 14.89
N GLN A 179 -11.79 11.85 15.60
CA GLN A 179 -11.96 10.40 15.55
C GLN A 179 -11.50 9.81 16.88
N THR A 180 -12.23 8.83 17.40
CA THR A 180 -11.88 8.14 18.65
C THR A 180 -11.08 6.89 18.31
N VAL A 181 -10.01 6.66 19.07
CA VAL A 181 -9.19 5.46 18.87
C VAL A 181 -9.17 4.69 20.17
N LYS A 182 -9.11 3.36 20.08
CA LYS A 182 -8.93 2.52 21.27
C LYS A 182 -7.49 2.70 21.78
N SER A 183 -7.33 2.90 23.10
CA SER A 183 -6.00 3.14 23.70
C SER A 183 -6.04 2.99 25.17
N ALA A 184 -4.94 2.49 25.72
CA ALA A 184 -4.72 2.59 27.16
C ALA A 184 -4.53 4.09 27.50
N ASN A 185 -4.65 4.40 28.78
CA ASN A 185 -4.36 5.74 29.29
C ASN A 185 -2.85 5.96 29.36
N TYR A 186 -2.37 7.12 28.90
CA TYR A 186 -0.97 7.44 29.11
C TYR A 186 -0.84 8.78 29.89
N ASN A 187 -0.10 8.73 30.99
CA ASN A 187 0.20 9.91 31.81
C ASN A 187 0.71 11.11 30.96
N THR A 188 1.74 10.86 30.14
CA THR A 188 2.29 11.85 29.18
C THR A 188 2.29 11.24 27.78
N PRO A 189 1.18 11.35 27.06
CA PRO A 189 1.10 10.71 25.78
C PRO A 189 2.16 11.20 24.78
N TYR A 190 2.69 10.25 24.01
CA TYR A 190 3.51 10.56 22.85
C TYR A 190 2.80 10.05 21.61
N LEU A 191 2.86 10.81 20.54
CA LEU A 191 2.10 10.48 19.33
C LEU A 191 3.06 10.59 18.12
N SER A 192 2.97 9.63 17.24
CA SER A 192 3.75 9.59 16.02
C SER A 192 2.86 9.77 14.78
N TYR A 193 3.35 10.49 13.76
CA TYR A 193 2.57 10.74 12.57
C TYR A 193 3.50 10.64 11.35
N ILE A 194 2.92 10.50 10.16
CA ILE A 194 3.78 10.43 8.94
C ILE A 194 3.69 11.77 8.24
N ASN A 195 4.84 12.39 7.99
CA ASN A 195 4.86 13.74 7.39
C ASN A 195 4.94 13.63 5.85
N ASP A 196 4.99 14.81 5.17
CA ASP A 196 5.00 14.87 3.68
C ASP A 196 6.11 14.01 3.04
N TYR A 197 7.18 13.78 3.81
CA TYR A 197 8.37 13.17 3.24
C TYR A 197 8.46 11.65 3.57
N GLY A 198 7.45 11.11 4.29
CA GLY A 198 7.53 9.70 4.61
C GLY A 198 8.29 9.47 5.93
N GLY A 199 8.70 10.55 6.60
CA GLY A 199 9.36 10.49 7.89
C GLY A 199 8.31 10.34 8.97
N ARG A 200 8.76 9.91 10.15
CA ARG A 200 7.82 9.65 11.25
C ARG A 200 8.26 10.38 12.57
N PRO A 201 7.97 11.67 12.63
CA PRO A 201 8.29 12.37 13.89
C PRO A 201 7.36 11.96 15.06
N VAL A 202 7.82 12.29 16.27
CA VAL A 202 7.07 12.02 17.50
C VAL A 202 6.83 13.35 18.22
N LEU A 203 5.58 13.54 18.67
CA LEU A 203 5.19 14.71 19.44
C LEU A 203 4.97 14.32 20.93
N SER A 204 5.35 15.21 21.85
CA SER A 204 5.17 14.94 23.28
C SER A 204 3.98 15.81 23.79
N PHE A 205 3.06 15.17 24.46
CA PHE A 205 1.83 15.81 24.94
C PHE A 205 1.82 15.87 26.47
N ILE A 206 1.22 16.96 26.99
CA ILE A 206 0.91 17.14 28.40
C ILE A 206 -0.62 17.25 28.53
N CYS A 207 -1.18 16.64 29.60
CA CYS A 207 -2.61 16.60 29.84
C CYS A 207 -3.01 17.44 31.02
N ASN A 208 -4.14 18.14 30.88
CA ASN A 208 -4.81 18.76 32.03
C ASN A 208 -6.19 18.10 32.15
N GLY A 209 -6.38 17.23 33.15
CA GLY A 209 -7.56 16.37 33.22
C GLY A 209 -7.62 15.54 31.94
N SER A 210 -8.76 15.51 31.26
CA SER A 210 -8.96 14.64 30.08
C SER A 210 -8.38 15.19 28.77
N ARG A 211 -8.04 16.47 28.73
CA ARG A 211 -7.55 17.13 27.51
C ARG A 211 -6.02 17.19 27.46
N CYS A 212 -5.43 16.81 26.33
CA CYS A 212 -3.97 16.82 26.16
C CYS A 212 -3.53 17.60 24.92
N SER A 213 -2.46 18.38 25.04
CA SER A 213 -2.01 19.21 23.86
C SER A 213 -0.47 19.13 23.90
N VAL A 214 0.14 19.50 22.79
CA VAL A 214 1.58 19.35 22.64
C VAL A 214 2.28 20.24 23.63
N LYS A 215 3.32 19.69 24.24
CA LYS A 215 4.22 20.43 25.16
C LYS A 215 4.79 21.65 24.43
N LYS A 216 4.64 22.83 25.00
CA LYS A 216 5.05 24.08 24.32
C LYS A 216 6.59 24.26 24.37
N GLU A 217 7.18 23.97 25.43
N ALA B 25 25.44 16.17 5.35
CA ALA B 25 25.32 17.60 4.88
C ALA B 25 24.21 18.28 5.69
N ALA B 26 24.50 19.42 6.31
CA ALA B 26 23.48 20.23 6.97
C ALA B 26 22.48 20.82 5.96
N PHE B 27 22.98 21.29 4.80
CA PHE B 27 22.10 21.92 3.81
C PHE B 27 21.97 21.05 2.54
N HIS B 28 20.75 20.71 2.15
CA HIS B 28 20.54 19.81 1.01
C HIS B 28 19.07 19.82 0.59
N GLY B 29 18.79 19.29 -0.60
CA GLY B 29 17.43 19.28 -1.11
C GLY B 29 16.61 18.14 -0.47
N GLU B 30 15.30 18.19 -0.75
CA GLU B 30 14.31 17.33 -0.16
C GLU B 30 14.65 15.85 -0.40
N VAL B 31 14.44 15.02 0.63
CA VAL B 31 14.75 13.60 0.55
C VAL B 31 13.54 12.86 1.17
N VAL B 32 12.95 11.96 0.40
CA VAL B 32 11.72 11.32 0.80
C VAL B 32 11.84 9.79 0.76
N ARG B 33 11.02 9.13 1.57
CA ARG B 33 10.99 7.66 1.58
C ARG B 33 10.39 7.19 0.22
N PRO B 34 11.14 6.39 -0.54
CA PRO B 34 10.59 5.87 -1.80
C PRO B 34 9.58 4.74 -1.49
N ALA B 35 8.69 4.47 -2.45
CA ALA B 35 7.82 3.30 -2.33
C ALA B 35 8.66 2.03 -2.54
N CYS B 36 8.19 0.88 -2.04
CA CYS B 36 8.94 -0.36 -2.14
C CYS B 36 8.93 -0.87 -3.59
N THR B 37 10.04 -1.40 -4.03
CA THR B 37 10.05 -2.17 -5.28
C THR B 37 9.96 -3.67 -4.94
N LEU B 38 9.16 -4.41 -5.68
CA LEU B 38 8.96 -5.83 -5.44
C LEU B 38 9.98 -6.63 -6.25
N ALA B 39 10.64 -7.58 -5.57
CA ALA B 39 11.60 -8.50 -6.21
C ALA B 39 11.29 -9.95 -5.85
N MET B 40 11.37 -10.82 -6.87
CA MET B 40 11.25 -12.28 -6.67
C MET B 40 12.50 -12.99 -7.21
N GLU B 41 12.66 -14.26 -6.84
CA GLU B 41 13.72 -15.11 -7.43
C GLU B 41 13.58 -15.16 -8.99
N ASP B 42 12.36 -15.30 -9.49
CA ASP B 42 12.14 -15.44 -10.94
C ASP B 42 11.96 -14.08 -11.63
N ALA B 43 12.68 -13.87 -12.74
CA ALA B 43 12.66 -12.61 -13.48
C ALA B 43 11.23 -12.24 -13.99
N TRP B 44 10.39 -13.26 -14.25
CA TRP B 44 9.03 -13.07 -14.73
C TRP B 44 8.03 -12.84 -13.60
N GLN B 45 8.49 -12.90 -12.35
CA GLN B 45 7.63 -12.83 -11.14
C GLN B 45 6.56 -13.95 -11.09
N ILE B 46 7.01 -15.13 -11.48
CA ILE B 46 6.18 -16.32 -11.59
C ILE B 46 6.60 -17.38 -10.55
N ILE B 47 5.61 -18.11 -10.08
CA ILE B 47 5.80 -19.27 -9.23
C ILE B 47 5.28 -20.49 -10.02
N ASP B 48 6.15 -21.49 -10.23
CA ASP B 48 5.77 -22.73 -10.87
C ASP B 48 4.92 -23.54 -9.85
N MET B 49 3.70 -23.87 -10.24
CA MET B 49 2.75 -24.60 -9.41
CA MET B 49 2.74 -24.60 -9.41
C MET B 49 2.86 -26.12 -9.56
N GLY B 50 3.51 -26.58 -10.65
CA GLY B 50 3.67 -28.05 -10.90
C GLY B 50 2.48 -28.61 -11.68
N GLU B 51 2.58 -29.88 -12.10
CA GLU B 51 1.50 -30.53 -12.85
C GLU B 51 0.26 -30.53 -11.99
N THR B 52 -0.92 -30.40 -12.61
CA THR B 52 -2.18 -30.55 -11.89
C THR B 52 -2.10 -31.77 -10.92
N PRO B 53 -2.32 -31.54 -9.61
CA PRO B 53 -2.19 -32.64 -8.61
C PRO B 53 -3.45 -33.54 -8.45
N VAL B 54 -3.80 -34.26 -9.54
CA VAL B 54 -5.05 -35.01 -9.58
C VAL B 54 -5.09 -36.04 -8.46
N ARG B 55 -3.97 -36.74 -8.27
CA ARG B 55 -3.98 -37.90 -7.38
C ARG B 55 -4.20 -37.36 -5.95
N ASP B 56 -3.51 -36.28 -5.59
CA ASP B 56 -3.71 -35.64 -4.27
C ASP B 56 -5.20 -35.20 -4.10
N LEU B 57 -5.74 -34.57 -5.14
CA LEU B 57 -7.07 -33.97 -5.12
C LEU B 57 -8.14 -35.01 -4.92
N GLN B 58 -7.95 -36.19 -5.52
CA GLN B 58 -8.94 -37.23 -5.45
C GLN B 58 -8.90 -37.93 -4.11
N ASN B 59 -7.73 -37.93 -3.50
CA ASN B 59 -7.57 -38.45 -2.17
C ASN B 59 -8.23 -37.53 -1.15
N GLY B 60 -8.60 -36.32 -1.58
CA GLY B 60 -9.29 -35.36 -0.73
C GLY B 60 -8.43 -34.29 -0.13
N PHE B 61 -7.17 -34.22 -0.57
CA PHE B 61 -6.23 -33.26 -0.05
C PHE B 61 -6.03 -32.14 -1.08
N SER B 62 -5.33 -31.10 -0.66
CA SER B 62 -4.81 -30.11 -1.56
C SER B 62 -3.55 -30.64 -2.25
N GLY B 63 -3.10 -29.96 -3.29
CA GLY B 63 -1.86 -30.37 -3.96
C GLY B 63 -0.69 -29.92 -3.10
N PRO B 64 0.53 -30.23 -3.53
CA PRO B 64 1.72 -29.83 -2.77
C PRO B 64 1.89 -28.32 -2.61
N GLU B 65 2.45 -27.92 -1.48
CA GLU B 65 2.67 -26.51 -1.22
C GLU B 65 3.83 -25.91 -2.03
N ARG B 66 3.66 -24.68 -2.46
CA ARG B 66 4.73 -23.96 -3.18
C ARG B 66 4.95 -22.62 -2.45
N LYS B 67 6.15 -22.42 -1.93
CA LYS B 67 6.52 -21.16 -1.25
C LYS B 67 6.92 -20.10 -2.24
N PHE B 68 6.53 -18.85 -1.99
CA PHE B 68 7.15 -17.77 -2.68
C PHE B 68 7.37 -16.58 -1.79
N SER B 69 8.43 -15.86 -2.10
CA SER B 69 8.96 -14.79 -1.28
C SER B 69 8.95 -13.57 -2.14
N LEU B 70 8.42 -12.46 -1.58
CA LEU B 70 8.31 -11.15 -2.24
C LEU B 70 9.17 -10.30 -1.37
N ARG B 71 10.35 -9.90 -1.87
CA ARG B 71 11.21 -8.98 -1.14
C ARG B 71 10.84 -7.50 -1.48
N LEU B 72 10.66 -6.67 -0.45
CA LEU B 72 10.22 -5.29 -0.67
C LEU B 72 11.44 -4.38 -0.40
N ARG B 73 12.05 -3.86 -1.49
CA ARG B 73 13.38 -3.15 -1.38
C ARG B 73 13.23 -1.60 -1.62
N ASN B 74 14.25 -0.86 -1.23
CA ASN B 74 14.43 0.55 -1.50
C ASN B 74 13.54 1.47 -0.62
N CYS B 75 12.77 0.88 0.30
CA CYS B 75 11.77 1.70 1.06
C CYS B 75 12.11 1.74 2.57
N GLU B 76 13.33 1.33 2.92
CA GLU B 76 13.79 1.22 4.31
C GLU B 76 12.71 0.46 5.10
N PHE B 77 12.38 -0.72 4.58
CA PHE B 77 11.31 -1.56 5.06
C PHE B 77 11.42 -1.92 6.56
N ASN B 78 12.63 -2.21 7.02
CA ASN B 78 12.86 -2.50 8.45
C ASN B 78 13.25 -1.24 9.20
N SER B 79 12.80 -1.17 10.47
CA SER B 79 13.19 -0.10 11.38
C SER B 79 13.68 -0.78 12.62
N GLN B 80 14.27 -0.01 13.52
CA GLN B 80 14.86 -0.52 14.75
C GLN B 80 13.89 -1.48 15.39
N GLY B 81 12.63 -1.07 15.54
CA GLY B 81 11.69 -1.90 16.32
C GLY B 81 10.65 -2.70 15.54
N GLY B 82 10.61 -2.55 14.22
CA GLY B 82 9.62 -3.32 13.45
C GLY B 82 9.94 -3.15 11.98
N ASN B 83 8.88 -3.06 11.18
CA ASN B 83 8.99 -2.96 9.75
C ASN B 83 7.62 -2.44 9.23
N LEU B 84 7.61 -1.88 8.00
CA LEU B 84 6.40 -1.28 7.43
C LEU B 84 5.14 -2.18 7.48
N PHE B 85 5.29 -3.49 7.18
CA PHE B 85 4.17 -4.41 7.16
C PHE B 85 3.62 -4.72 8.56
N SER B 86 4.50 -5.19 9.45
CA SER B 86 4.06 -5.57 10.82
C SER B 86 3.43 -4.41 11.57
N ASP B 87 3.94 -3.18 11.33
CA ASP B 87 3.51 -1.99 12.07
C ASP B 87 2.23 -1.36 11.38
N SER B 88 1.74 -1.99 10.30
CA SER B 88 0.59 -1.44 9.49
C SER B 88 0.85 -0.07 8.80
N ARG B 89 2.10 0.17 8.40
CA ARG B 89 2.47 1.39 7.66
C ARG B 89 2.23 1.13 6.16
N ILE B 90 2.23 -0.16 5.79
CA ILE B 90 1.71 -0.53 4.47
C ILE B 90 0.65 -1.60 4.73
N ARG B 91 -0.26 -1.78 3.78
CA ARG B 91 -1.29 -2.82 3.89
C ARG B 91 -1.21 -3.56 2.58
N VAL B 92 -1.23 -4.89 2.63
CA VAL B 92 -1.12 -5.69 1.43
C VAL B 92 -2.37 -6.50 1.16
N THR B 93 -2.71 -6.61 -0.12
CA THR B 93 -3.90 -7.31 -0.58
C THR B 93 -3.59 -8.17 -1.82
N PHE B 94 -4.07 -9.42 -1.84
CA PHE B 94 -3.99 -10.19 -3.09
C PHE B 94 -5.27 -9.90 -3.91
N ASP B 95 -5.11 -9.38 -5.12
CA ASP B 95 -6.24 -9.12 -6.02
C ASP B 95 -6.39 -10.17 -7.07
N GLY B 96 -7.64 -10.59 -7.33
CA GLY B 96 -7.87 -11.61 -8.39
C GLY B 96 -9.33 -11.93 -8.48
N VAL B 97 -9.69 -12.93 -9.27
CA VAL B 97 -11.09 -13.40 -9.39
C VAL B 97 -11.26 -14.46 -8.31
N ARG B 98 -12.25 -14.25 -7.43
CA ARG B 98 -12.64 -15.21 -6.42
C ARG B 98 -13.13 -16.58 -7.00
N GLY B 99 -12.78 -17.70 -6.36
CA GLY B 99 -13.19 -18.99 -6.85
C GLY B 99 -14.51 -19.44 -6.20
N GLU B 100 -14.55 -20.69 -5.74
CA GLU B 100 -15.76 -21.32 -5.21
C GLU B 100 -16.21 -20.73 -3.88
N THR B 101 -15.22 -20.27 -3.11
CA THR B 101 -15.46 -19.76 -1.74
C THR B 101 -14.60 -18.55 -1.60
N PRO B 102 -14.93 -17.71 -0.59
CA PRO B 102 -14.11 -16.56 -0.20
C PRO B 102 -12.63 -16.95 -0.03
N ASP B 103 -12.31 -18.12 0.55
CA ASP B 103 -10.91 -18.52 0.75
C ASP B 103 -10.13 -18.98 -0.52
N LYS B 104 -10.69 -18.76 -1.72
CA LYS B 104 -10.17 -19.37 -2.95
C LYS B 104 -10.09 -18.41 -4.12
N PHE B 105 -9.11 -18.64 -4.99
CA PHE B 105 -8.97 -17.83 -6.22
C PHE B 105 -9.24 -18.71 -7.43
N ASN B 106 -9.92 -18.12 -8.43
CA ASN B 106 -10.17 -18.76 -9.68
C ASN B 106 -8.87 -18.86 -10.52
N LEU B 107 -8.83 -19.84 -11.39
CA LEU B 107 -7.68 -20.08 -12.26
C LEU B 107 -8.16 -20.08 -13.72
N SER B 108 -7.33 -19.57 -14.63
CA SER B 108 -7.60 -19.68 -16.07
C SER B 108 -6.92 -20.86 -16.72
N GLY B 109 -7.21 -21.14 -18.00
CA GLY B 109 -6.61 -22.26 -18.72
C GLY B 109 -7.52 -23.44 -18.94
N GLN B 110 -6.96 -24.54 -19.45
CA GLN B 110 -7.72 -25.64 -19.87
C GLN B 110 -8.18 -26.52 -18.69
N ALA B 111 -7.46 -26.49 -17.56
CA ALA B 111 -7.80 -27.38 -16.45
C ALA B 111 -9.21 -27.02 -15.92
N LYS B 112 -9.87 -28.01 -15.35
CA LYS B 112 -11.16 -27.74 -14.72
C LYS B 112 -11.16 -28.39 -13.35
N GLY B 113 -11.92 -27.79 -12.42
CA GLY B 113 -12.16 -28.46 -11.12
C GLY B 113 -11.20 -27.94 -10.07
N ILE B 114 -10.39 -26.96 -10.44
CA ILE B 114 -9.38 -26.44 -9.51
C ILE B 114 -9.42 -24.93 -9.20
N ASN B 115 -8.95 -24.59 -7.99
CA ASN B 115 -8.80 -23.21 -7.57
C ASN B 115 -7.45 -23.15 -6.87
N LEU B 116 -7.12 -21.93 -6.45
CA LEU B 116 -5.85 -21.66 -5.81
C LEU B 116 -6.13 -21.10 -4.45
N GLN B 117 -5.23 -21.36 -3.50
CA GLN B 117 -5.37 -20.86 -2.17
C GLN B 117 -4.02 -20.30 -1.83
N ILE B 118 -4.02 -19.17 -1.12
CA ILE B 118 -2.77 -18.55 -0.65
C ILE B 118 -2.79 -18.32 0.86
N ALA B 119 -1.67 -18.59 1.53
CA ALA B 119 -1.64 -18.43 2.98
C ALA B 119 -0.38 -17.72 3.42
N ASP B 120 -0.48 -16.94 4.50
CA ASP B 120 0.69 -16.26 5.06
C ASP B 120 1.43 -17.21 6.04
N VAL B 121 2.53 -16.76 6.67
CA VAL B 121 3.33 -17.66 7.55
C VAL B 121 2.64 -18.09 8.83
N ARG B 122 1.46 -17.56 9.12
CA ARG B 122 0.71 -18.12 10.29
C ARG B 122 -0.54 -18.86 9.83
N GLY B 123 -0.67 -19.06 8.52
CA GLY B 123 -1.80 -19.85 8.00
C GLY B 123 -3.08 -19.04 7.77
N ASN B 124 -3.00 -17.72 7.88
CA ASN B 124 -4.09 -16.83 7.41
C ASN B 124 -4.23 -16.96 5.90
N ILE B 125 -5.44 -17.27 5.44
CA ILE B 125 -5.68 -17.55 4.03
C ILE B 125 -6.16 -16.29 3.38
N ALA B 126 -5.53 -15.93 2.26
CA ALA B 126 -5.91 -14.70 1.62
C ALA B 126 -7.30 -14.85 0.99
N ARG B 127 -8.06 -13.77 0.99
CA ARG B 127 -9.30 -13.67 0.22
C ARG B 127 -9.19 -12.53 -0.81
N ALA B 128 -9.64 -12.80 -2.03
CA ALA B 128 -9.54 -11.80 -3.10
C ALA B 128 -10.02 -10.40 -2.67
N GLY B 129 -9.11 -9.43 -2.70
CA GLY B 129 -9.47 -8.03 -2.53
C GLY B 129 -9.56 -7.65 -1.05
N LYS B 130 -9.24 -8.60 -0.17
CA LYS B 130 -9.26 -8.34 1.26
C LYS B 130 -7.85 -8.21 1.86
N VAL B 131 -7.64 -7.15 2.63
CA VAL B 131 -6.35 -6.86 3.16
C VAL B 131 -5.81 -8.00 4.04
N MET B 132 -4.53 -8.33 3.91
CA MET B 132 -3.93 -9.33 4.82
C MET B 132 -3.71 -8.79 6.24
N PRO B 133 -3.87 -9.63 7.29
CA PRO B 133 -3.69 -9.09 8.66
C PRO B 133 -2.20 -8.80 8.94
N ALA B 134 -1.93 -7.73 9.68
CA ALA B 134 -0.57 -7.37 10.02
C ALA B 134 -0.08 -8.33 11.07
N ILE B 135 1.06 -8.98 10.78
CA ILE B 135 1.67 -9.91 11.79
C ILE B 135 3.19 -9.63 11.97
N PRO B 136 3.79 -10.07 13.12
CA PRO B 136 5.26 -9.86 13.20
C PRO B 136 5.97 -10.85 12.22
N LEU B 137 7.08 -10.43 11.62
CA LEU B 137 7.83 -11.24 10.61
C LEU B 137 8.78 -12.25 11.29
N THR B 138 9.12 -13.36 10.60
CA THR B 138 9.95 -14.49 11.18
C THR B 138 11.43 -14.50 10.70
N GLU B 141 15.46 -11.14 7.10
CA GLU B 141 14.59 -10.94 5.88
C GLU B 141 13.81 -9.66 5.75
N GLU B 142 14.03 -8.92 4.65
CA GLU B 142 13.16 -7.89 4.11
C GLU B 142 11.97 -8.52 3.40
N ALA B 143 11.66 -9.79 3.75
CA ALA B 143 10.75 -10.58 2.88
C ALA B 143 9.34 -10.88 3.45
N LEU B 144 8.36 -10.86 2.55
CA LEU B 144 7.05 -11.40 2.85
C LEU B 144 6.94 -12.77 2.20
N ASP B 145 6.59 -13.78 2.98
CA ASP B 145 6.58 -15.15 2.49
C ASP B 145 5.16 -15.70 2.52
N TYR B 146 4.72 -16.24 1.36
CA TYR B 146 3.40 -16.82 1.18
C TYR B 146 3.51 -18.24 0.67
N THR B 147 2.43 -18.99 0.82
CA THR B 147 2.45 -20.35 0.41
C THR B 147 1.20 -20.57 -0.42
N LEU B 148 1.36 -21.10 -1.65
CA LEU B 148 0.20 -21.45 -2.41
C LEU B 148 0.01 -22.95 -2.60
N ARG B 149 -1.22 -23.30 -2.87
CA ARG B 149 -1.58 -24.69 -3.13
C ARG B 149 -2.84 -24.77 -3.97
N ILE B 150 -2.96 -25.83 -4.75
CA ILE B 150 -4.13 -25.97 -5.58
C ILE B 150 -5.15 -26.81 -4.78
N VAL B 151 -6.42 -26.42 -4.91
CA VAL B 151 -7.49 -27.01 -4.19
C VAL B 151 -8.61 -27.30 -5.19
N ARG B 152 -9.55 -28.14 -4.74
CA ARG B 152 -10.77 -28.42 -5.51
C ARG B 152 -11.65 -27.17 -5.54
N ASN B 153 -12.48 -27.07 -6.58
CA ASN B 153 -13.44 -25.97 -6.68
C ASN B 153 -14.90 -26.44 -6.75
N GLY B 154 -15.15 -27.75 -6.55
CA GLY B 154 -16.49 -28.29 -6.60
C GLY B 154 -16.89 -28.88 -7.94
N LYS B 155 -16.24 -28.46 -9.02
CA LYS B 155 -16.58 -28.93 -10.38
C LYS B 155 -15.80 -30.22 -10.71
N LYS B 156 -16.17 -30.90 -11.79
CA LYS B 156 -15.53 -32.17 -12.19
C LYS B 156 -14.06 -31.92 -12.58
N LEU B 157 -13.17 -32.75 -12.08
CA LEU B 157 -11.74 -32.49 -12.27
C LEU B 157 -11.34 -32.83 -13.69
N GLU B 158 -10.68 -31.93 -14.39
CA GLU B 158 -10.25 -32.30 -15.75
C GLU B 158 -8.84 -31.76 -15.89
N ALA B 159 -7.86 -32.65 -16.05
CA ALA B 159 -6.45 -32.17 -16.01
C ALA B 159 -6.16 -31.41 -17.32
N GLY B 160 -5.22 -30.48 -17.27
CA GLY B 160 -4.94 -29.63 -18.46
C GLY B 160 -4.03 -28.56 -17.89
N ASN B 161 -3.67 -27.57 -18.70
CA ASN B 161 -2.76 -26.59 -18.19
C ASN B 161 -3.57 -25.46 -17.54
N TYR B 162 -2.95 -24.71 -16.65
CA TYR B 162 -3.68 -23.63 -16.03
C TYR B 162 -2.69 -22.51 -15.72
CA PHE B 163 -2.37 -20.21 -14.96
C PHE B 163 -3.28 -19.19 -14.25
N ALA B 164 -2.65 -18.24 -13.51
CA ALA B 164 -3.35 -16.99 -13.12
C ALA B 164 -2.38 -15.83 -12.98
N VAL B 165 -2.88 -14.61 -13.19
CA VAL B 165 -2.15 -13.43 -12.77
C VAL B 165 -2.87 -12.85 -11.54
N LEU B 166 -2.15 -12.71 -10.44
CA LEU B 166 -2.73 -12.12 -9.24
C LEU B 166 -2.11 -10.78 -9.03
N GLY B 167 -2.91 -9.77 -8.66
CA GLY B 167 -2.35 -8.49 -8.17
C GLY B 167 -1.83 -8.59 -6.72
N PHE B 168 -0.65 -8.04 -6.44
CA PHE B 168 -0.18 -7.89 -5.06
C PHE B 168 -0.17 -6.39 -4.81
N ARG B 169 -1.20 -5.91 -4.12
CA ARG B 169 -1.40 -4.47 -3.98
CA ARG B 169 -1.40 -4.46 -3.98
C ARG B 169 -0.86 -3.99 -2.64
N VAL B 170 0.03 -2.99 -2.69
CA VAL B 170 0.60 -2.44 -1.51
C VAL B 170 0.03 -0.98 -1.34
N ASP B 171 -0.81 -0.79 -0.32
CA ASP B 171 -1.37 0.50 0.02
C ASP B 171 -0.51 1.17 1.09
N TYR B 172 -0.04 2.38 0.80
CA TYR B 172 0.84 3.11 1.70
C TYR B 172 -0.01 4.03 2.61
N GLU B 173 0.20 3.88 3.91
CA GLU B 173 -0.31 4.85 4.87
C GLU B 173 0.50 6.15 4.79
C1 GOL C . -8.78 -0.87 -5.71
O1 GOL C . -8.14 -0.78 -4.43
C2 GOL C . -7.56 -0.96 -6.64
O2 GOL C . -7.07 0.24 -7.20
C3 GOL C . -7.50 -2.32 -7.36
O3 GOL C . -6.56 -2.23 -8.43
O23 EC2 D . 1.30 -8.77 -23.71
C21 EC2 D . 0.74 -7.67 -23.52
O22 EC2 D . -0.51 -7.43 -23.47
C28 EC2 D . 1.64 -6.51 -23.30
C29 EC2 D . 1.86 -6.27 -21.79
C6 EC2 D . 3.25 -5.86 -21.52
C5 EC2 D . 4.08 -6.64 -20.71
C4 EC2 D . 5.39 -6.23 -20.48
C3 EC2 D . 5.87 -5.06 -21.04
C2 EC2 D . 5.05 -4.26 -21.84
C1 EC2 D . 3.73 -4.66 -22.08
S30 EC2 D . 0.86 -4.91 -21.38
N27 EC2 D . 1.01 -5.32 -23.89
C26 EC2 D . 0.85 -5.10 -25.28
O26 EC2 D . 1.26 -5.98 -26.06
C22 EC2 D . 0.57 -4.38 -22.96
C23 EC2 D . -0.09 -3.13 -23.42
C18 EC2 D . -0.59 -2.09 -22.47
C20 EC2 D . -1.87 -2.65 -21.84
C19 EC2 D . -1.94 -1.53 -22.87
C24 EC2 D . -0.22 -2.94 -24.88
C25 EC2 D . 0.26 -3.92 -25.76
C17 EC2 D . -0.82 -1.64 -25.39
C16 EC2 D . 0.29 -0.60 -25.16
C7 EC2 D . 1.59 -1.02 -24.84
C8 EC2 D . 2.63 -0.10 -24.62
C9 EC2 D . 2.36 1.27 -24.71
C10 EC2 D . 1.07 1.70 -25.03
C15 EC2 D . 0.05 0.77 -25.25
C11 EC2 D . 0.81 3.06 -25.13
C12 EC2 D . -0.47 3.52 -25.45
C13 EC2 D . -1.49 2.59 -25.65
C14 EC2 D . -1.22 1.23 -25.57
O26 EC5 E . 1.47 -5.86 -26.21
C26 EC5 E . 0.86 -5.04 -25.50
N27 EC5 E . 0.62 -5.47 -24.17
C28 EC5 E . 1.17 -6.79 -23.70
C29 EC5 E . 1.63 -6.64 -22.19
C6 EC5 E . 3.07 -6.14 -21.92
C5 EC5 E . 3.78 -6.67 -20.81
C4 EC5 E . 5.09 -6.26 -20.55
C3 EC5 E . 5.69 -5.30 -21.35
C2 EC5 E . 5.00 -4.72 -22.48
C1 EC5 E . 3.68 -5.16 -22.75
C21 EC5 E . 0.24 -7.93 -23.79
O23 EC5 E . 0.53 -8.92 -23.01
O22 EC5 E . -0.75 -7.83 -24.56
C25 EC5 E . 0.48 -3.75 -25.95
C24 EC5 E . -0.17 -2.86 -25.09
C23 EC5 E . -0.53 -3.27 -23.70
C18 EC5 E . -1.17 -2.31 -22.72
C20 EC5 E . -2.29 -2.85 -21.87
C19 EC5 E . -2.58 -1.88 -22.99
C22 EC5 E . -0.04 -4.60 -23.31
S30 EC5 E . -0.30 -5.19 -21.76
O56 EC5 E . -1.74 -5.96 -22.13
C17 EC5 E . -0.54 -1.45 -25.60
C16 EC5 E . 0.56 -0.44 -25.13
C7 EC5 E . 1.81 -0.89 -24.65
C8 EC5 E . 2.81 0.03 -24.26
C9 EC5 E . 2.57 1.39 -24.38
C10 EC5 E . 1.37 1.83 -24.88
C15 EC5 E . 0.38 0.93 -25.25
C11 EC5 E . 1.17 3.23 -24.99
C12 EC5 E . -0.07 3.72 -25.50
C13 EC5 E . -1.06 2.80 -25.88
C14 EC5 E . -0.81 1.43 -25.79
C1 PGO F . 5.00 -12.67 6.44
C2 PGO F . 3.81 -12.83 5.50
C3 PGO F . 2.62 -11.85 5.75
O1 PGO F . 6.16 -13.26 5.81
O2 PGO F . 3.42 -14.21 5.43
CO CO G . 19.20 16.17 6.34
#